data_9JV7
#
_entry.id   9JV7
#
_cell.length_a   51.860
_cell.length_b   69.020
_cell.length_c   119.360
_cell.angle_alpha   90.000
_cell.angle_beta   90.000
_cell.angle_gamma   90.000
#
_symmetry.space_group_name_H-M   'P 21 21 21'
#
loop_
_entity.id
_entity.type
_entity.pdbx_description
1 polymer 'De novo designed 1GFL-19'
2 water water
#
_entity_poly.entity_id   1
_entity_poly.type   'polypeptide(L)'
_entity_poly.pdbx_seq_one_letter_code
;MTPGEELFTGVVPILVELDGDVNGHKFSVSGEGEGDARTGKLTLKFICTTGKLPVPWPTLVTTF(GYS)VQCFSRYPDHI
RHHDFFKSAMPEGYVQERVIVFKDDGAFVTRAEVKFEGDTLANRIELKGMNFKEDGWIMGHKLEYNYNSHNVYIEADKEK
NGIRVNFKIRLPLKDGGVLLADHYQQNTPIGDGPVLLPDPHYLSTQSVLSKDPNETRDHMVLLEFVTAAGIPLEHHHHHH
;
_entity_poly.pdbx_strand_id   A,B
#
# COMPACT_ATOMS: atom_id res chain seq x y z
N MET A 1 -5.87 -20.27 28.85
CA MET A 1 -6.74 -19.65 27.83
C MET A 1 -6.97 -18.19 28.37
N THR A 2 -6.84 -17.12 27.50
CA THR A 2 -7.13 -15.74 27.88
C THR A 2 -8.63 -15.45 27.88
N PRO A 3 -9.06 -14.36 28.53
CA PRO A 3 -10.50 -14.01 28.48
C PRO A 3 -10.98 -13.73 27.05
N GLY A 4 -10.11 -13.14 26.21
CA GLY A 4 -10.52 -12.92 24.82
C GLY A 4 -10.74 -14.23 24.09
N GLU A 5 -9.87 -15.19 24.34
CA GLU A 5 -10.07 -16.49 23.70
C GLU A 5 -11.41 -17.10 24.12
N GLU A 6 -11.77 -16.90 25.39
CA GLU A 6 -13.00 -17.52 25.89
C GLU A 6 -14.28 -16.88 25.37
N LEU A 7 -14.20 -15.66 24.83
CA LEU A 7 -15.35 -15.05 24.14
C LEU A 7 -15.77 -15.80 22.89
N PHE A 8 -14.94 -16.74 22.40
CA PHE A 8 -15.20 -17.53 21.21
C PHE A 8 -15.60 -18.98 21.49
N THR A 9 -15.97 -19.34 22.73
CA THR A 9 -16.40 -20.74 22.88
C THR A 9 -17.68 -21.05 22.12
N GLY A 10 -18.56 -20.07 21.92
CA GLY A 10 -19.87 -20.30 21.32
C GLY A 10 -19.86 -19.88 19.85
N VAL A 11 -21.04 -19.56 19.34
CA VAL A 11 -21.15 -19.08 17.95
C VAL A 11 -21.41 -17.59 18.03
N VAL A 12 -20.54 -16.80 17.43
CA VAL A 12 -20.46 -15.35 17.62
C VAL A 12 -20.97 -14.68 16.35
N PRO A 13 -21.96 -13.79 16.43
CA PRO A 13 -22.42 -13.06 15.23
C PRO A 13 -21.32 -12.12 14.74
N ILE A 14 -21.31 -11.86 13.41
CA ILE A 14 -20.28 -11.06 12.78
C ILE A 14 -20.97 -9.98 11.95
N LEU A 15 -20.42 -8.77 11.98
CA LEU A 15 -20.81 -7.69 11.11
C LEU A 15 -19.57 -7.31 10.30
N VAL A 16 -19.75 -7.02 9.01
CA VAL A 16 -18.66 -6.49 8.20
C VAL A 16 -19.14 -5.23 7.48
N GLU A 17 -18.32 -4.17 7.47
CA GLU A 17 -18.62 -3.01 6.63
C GLU A 17 -17.37 -2.61 5.86
N LEU A 18 -17.53 -2.34 4.55
CA LEU A 18 -16.39 -1.95 3.74
C LEU A 18 -16.74 -0.68 2.98
N ASP A 19 -15.86 0.32 3.07
CA ASP A 19 -15.88 1.59 2.34
C ASP A 19 -14.76 1.52 1.31
N GLY A 20 -15.10 1.42 0.03
CA GLY A 20 -14.03 1.19 -0.93
C GLY A 20 -13.94 2.21 -2.06
N ASP A 21 -12.76 2.29 -2.67
CA ASP A 21 -12.51 3.18 -3.81
C ASP A 21 -11.48 2.48 -4.68
N VAL A 22 -11.86 2.02 -5.87
CA VAL A 22 -10.89 1.37 -6.76
C VAL A 22 -10.88 2.10 -8.10
N ASN A 23 -9.70 2.60 -8.51
CA ASN A 23 -9.59 3.40 -9.74
C ASN A 23 -10.64 4.53 -9.78
N GLY A 24 -10.97 5.12 -8.62
CA GLY A 24 -11.97 6.17 -8.57
C GLY A 24 -13.41 5.68 -8.49
N HIS A 25 -13.67 4.37 -8.56
CA HIS A 25 -15.03 3.86 -8.49
C HIS A 25 -15.30 3.58 -7.02
N LYS A 26 -16.23 4.34 -6.42
CA LYS A 26 -16.53 4.21 -4.99
C LYS A 26 -17.59 3.14 -4.80
N PHE A 27 -17.52 2.42 -3.68
CA PHE A 27 -18.52 1.39 -3.48
C PHE A 27 -18.52 1.02 -2.01
N SER A 28 -19.64 0.50 -1.54
CA SER A 28 -19.80 0.08 -0.12
C SER A 28 -20.34 -1.32 -0.06
N VAL A 29 -19.90 -2.09 0.94
CA VAL A 29 -20.37 -3.48 1.08
C VAL A 29 -20.70 -3.69 2.54
N SER A 30 -21.87 -4.28 2.82
CA SER A 30 -22.26 -4.66 4.17
C SER A 30 -22.34 -6.18 4.23
N GLY A 31 -21.84 -6.75 5.31
CA GLY A 31 -21.91 -8.18 5.49
C GLY A 31 -22.43 -8.58 6.87
N GLU A 32 -23.01 -9.77 6.94
CA GLU A 32 -23.50 -10.34 8.20
C GLU A 32 -23.28 -11.83 8.19
N GLY A 33 -23.02 -12.39 9.36
CA GLY A 33 -22.96 -13.85 9.43
C GLY A 33 -22.59 -14.27 10.84
N GLU A 34 -21.80 -15.33 11.00
CA GLU A 34 -21.43 -15.77 12.35
C GLU A 34 -20.23 -16.67 12.24
N GLY A 35 -19.49 -16.82 13.35
CA GLY A 35 -18.30 -17.65 13.36
C GLY A 35 -18.25 -18.62 14.53
N ASP A 36 -17.69 -19.80 14.27
CA ASP A 36 -17.56 -20.85 15.28
C ASP A 36 -16.08 -21.22 15.38
N ALA A 37 -15.32 -20.59 16.30
CA ALA A 37 -13.89 -20.86 16.36
C ALA A 37 -13.59 -22.29 16.83
N ARG A 38 -14.55 -22.96 17.48
CA ARG A 38 -14.36 -24.36 17.89
C ARG A 38 -14.06 -25.24 16.69
N THR A 39 -14.78 -25.02 15.57
CA THR A 39 -14.57 -25.77 14.34
C THR A 39 -13.85 -25.01 13.25
N GLY A 40 -13.59 -23.71 13.43
CA GLY A 40 -12.95 -22.96 12.37
C GLY A 40 -13.90 -22.51 11.27
N LYS A 41 -15.20 -22.62 11.48
CA LYS A 41 -16.20 -22.41 10.42
C LYS A 41 -16.79 -21.01 10.53
N LEU A 42 -16.85 -20.30 9.39
CA LEU A 42 -17.40 -18.95 9.23
C LEU A 42 -18.50 -19.06 8.20
N THR A 43 -19.61 -18.35 8.37
CA THR A 43 -20.57 -18.16 7.29
C THR A 43 -20.84 -16.68 7.22
N LEU A 44 -20.68 -16.10 6.05
CA LEU A 44 -20.88 -14.67 5.89
C LEU A 44 -21.59 -14.41 4.58
N LYS A 45 -22.40 -13.36 4.55
CA LYS A 45 -23.06 -12.92 3.31
C LYS A 45 -22.88 -11.43 3.15
N PHE A 46 -22.49 -11.01 1.96
CA PHE A 46 -22.10 -9.64 1.65
C PHE A 46 -23.03 -9.09 0.59
N ILE A 47 -23.41 -7.85 0.72
CA ILE A 47 -24.30 -7.22 -0.23
C ILE A 47 -23.65 -5.89 -0.61
N CYS A 48 -23.41 -5.65 -1.92
CA CYS A 48 -22.97 -4.33 -2.35
C CYS A 48 -24.15 -3.37 -2.27
N THR A 49 -24.10 -2.39 -1.38
CA THR A 49 -25.26 -1.52 -1.22
C THR A 49 -25.26 -0.34 -2.19
N THR A 50 -24.23 -0.19 -3.00
CA THR A 50 -24.13 0.93 -3.93
C THR A 50 -24.43 0.52 -5.38
N GLY A 51 -24.83 -0.72 -5.62
CA GLY A 51 -25.09 -1.11 -6.99
C GLY A 51 -24.20 -2.27 -7.40
N LYS A 52 -23.60 -2.19 -8.59
CA LYS A 52 -22.70 -3.22 -9.09
C LYS A 52 -21.33 -3.08 -8.41
N LEU A 53 -20.78 -4.19 -7.91
CA LEU A 53 -19.43 -4.13 -7.37
C LEU A 53 -18.45 -3.89 -8.51
N PRO A 54 -17.52 -2.93 -8.42
CA PRO A 54 -16.63 -2.63 -9.55
C PRO A 54 -15.42 -3.55 -9.71
N VAL A 55 -15.20 -4.49 -8.78
CA VAL A 55 -14.18 -5.53 -8.87
C VAL A 55 -14.88 -6.86 -8.65
N PRO A 56 -14.27 -7.97 -9.07
CA PRO A 56 -14.89 -9.28 -8.83
C PRO A 56 -14.90 -9.58 -7.34
N TRP A 57 -15.96 -10.18 -6.88
CA TRP A 57 -16.06 -10.58 -5.48
C TRP A 57 -14.86 -11.36 -4.98
N PRO A 58 -14.26 -12.27 -5.74
CA PRO A 58 -13.15 -13.04 -5.15
C PRO A 58 -11.99 -12.17 -4.71
N THR A 59 -11.82 -10.98 -5.30
CA THR A 59 -10.68 -10.13 -4.90
C THR A 59 -10.85 -9.54 -3.51
N LEU A 60 -12.05 -9.58 -2.96
CA LEU A 60 -12.30 -8.99 -1.63
C LEU A 60 -12.42 -10.01 -0.52
N VAL A 61 -12.38 -11.32 -0.81
CA VAL A 61 -12.62 -12.31 0.25
C VAL A 61 -11.67 -12.10 1.43
N THR A 62 -10.35 -11.94 1.14
CA THR A 62 -9.41 -11.84 2.25
C THR A 62 -9.62 -10.56 3.06
N THR A 63 -10.09 -9.50 2.40
CA THR A 63 -10.34 -8.25 3.12
C THR A 63 -11.55 -8.37 4.05
N PHE A 64 -12.64 -8.97 3.54
CA PHE A 64 -13.85 -9.19 4.37
C PHE A 64 -13.60 -10.14 5.55
N1 GYS A 65 -12.82 -11.24 5.10
OG1 GYS A 65 -13.18 -14.68 6.40
CB1 GYS A 65 -13.43 -13.56 5.52
CA1 GYS A 65 -12.69 -12.33 6.08
C1 GYS A 65 -11.24 -12.55 6.14
N2 GYS A 65 -10.53 -13.56 5.46
N3 GYS A 65 -10.42 -11.75 6.86
C2 GYS A 65 -9.21 -12.18 6.62
O2 GYS A 65 -8.08 -11.68 7.15
CA2 GYS A 65 -9.23 -13.34 5.75
CA3 GYS A 65 -10.78 -10.52 7.60
CB2 GYS A 65 -8.03 -14.10 5.36
CG2 GYS A 65 -8.00 -15.22 4.43
CD1 GYS A 65 -6.75 -15.70 4.04
CD2 GYS A 65 -9.18 -15.72 3.87
CE1 GYS A 65 -6.70 -16.75 3.13
CE2 GYS A 65 -9.12 -16.79 2.93
CZ GYS A 65 -7.85 -17.27 2.57
OH GYS A 65 -7.73 -18.30 1.67
C3 GYS A 65 -11.03 -10.67 9.08
O3 GYS A 65 -10.80 -9.63 9.73
N VAL A 66 -11.47 -11.98 9.41
CA VAL A 66 -11.80 -12.02 10.85
C VAL A 66 -11.12 -13.27 11.38
N GLN A 67 -9.77 -13.20 11.41
CA GLN A 67 -8.99 -14.42 11.65
C GLN A 67 -9.03 -14.86 13.10
N CYS A 68 -9.71 -14.08 13.93
CA CYS A 68 -10.03 -14.54 15.28
C CYS A 68 -10.97 -15.72 15.26
N PHE A 69 -11.55 -16.09 14.11
CA PHE A 69 -12.38 -17.29 14.08
C PHE A 69 -11.60 -18.53 13.63
N SER A 70 -10.28 -18.39 13.40
CA SER A 70 -9.48 -19.60 13.16
C SER A 70 -9.59 -20.60 14.30
N ARG A 71 -9.58 -21.90 13.97
CA ARG A 71 -9.49 -22.95 14.98
C ARG A 71 -8.01 -23.14 15.36
N TYR A 72 -7.64 -22.74 16.56
CA TYR A 72 -6.31 -23.06 17.09
C TYR A 72 -6.42 -24.35 17.89
N PRO A 73 -5.72 -25.40 17.55
CA PRO A 73 -5.79 -26.61 18.40
C PRO A 73 -5.06 -26.35 19.72
N ASP A 74 -5.38 -27.16 20.73
CA ASP A 74 -4.67 -27.16 22.01
C ASP A 74 -3.15 -26.97 21.93
N HIS A 75 -2.48 -27.77 21.10
CA HIS A 75 -1.03 -27.64 21.13
C HIS A 75 -0.53 -26.24 20.74
N ILE A 76 -1.37 -25.36 20.13
CA ILE A 76 -0.86 -24.02 19.78
C ILE A 76 -1.79 -22.86 20.11
N ARG A 77 -2.76 -23.05 21.02
CA ARG A 77 -3.63 -21.94 21.44
C ARG A 77 -2.85 -20.72 21.93
N HIS A 78 -1.65 -20.95 22.53
CA HIS A 78 -0.83 -19.89 23.09
C HIS A 78 -0.24 -18.99 22.02
N HIS A 79 -0.53 -19.29 20.77
CA HIS A 79 -0.11 -18.48 19.65
C HIS A 79 -1.23 -17.62 19.10
N ASP A 80 -2.40 -17.55 19.80
CA ASP A 80 -3.60 -16.97 19.22
C ASP A 80 -3.66 -15.47 19.56
N PHE A 81 -2.86 -14.70 18.81
CA PHE A 81 -2.92 -13.25 18.91
C PHE A 81 -4.34 -12.71 18.68
N PHE A 82 -5.02 -13.22 17.65
CA PHE A 82 -6.24 -12.55 17.21
C PHE A 82 -7.28 -12.53 18.31
N LYS A 83 -7.53 -13.70 18.92
CA LYS A 83 -8.51 -13.74 19.99
C LYS A 83 -7.98 -13.06 21.25
N SER A 84 -6.68 -13.15 21.51
CA SER A 84 -6.26 -12.57 22.81
C SER A 84 -6.40 -11.05 22.84
N ALA A 85 -6.47 -10.40 21.67
CA ALA A 85 -6.68 -8.97 21.62
C ALA A 85 -8.13 -8.55 21.88
N MET A 86 -9.01 -9.47 21.97
CA MET A 86 -10.42 -9.20 22.12
C MET A 86 -10.73 -9.02 23.62
N PRO A 87 -11.76 -8.26 24.01
CA PRO A 87 -12.73 -7.60 23.13
C PRO A 87 -12.28 -6.25 22.54
N GLU A 88 -11.23 -5.58 23.03
CA GLU A 88 -10.90 -4.26 22.50
C GLU A 88 -10.45 -4.31 21.05
N GLY A 89 -9.85 -5.45 20.63
CA GLY A 89 -9.65 -5.71 19.21
C GLY A 89 -8.28 -5.32 18.65
N TYR A 90 -8.20 -5.34 17.32
CA TYR A 90 -6.93 -5.09 16.66
C TYR A 90 -7.19 -4.37 15.33
N VAL A 91 -6.14 -3.68 14.87
CA VAL A 91 -6.10 -3.09 13.53
C VAL A 91 -5.42 -4.08 12.61
N GLN A 92 -6.01 -4.30 11.45
CA GLN A 92 -5.45 -5.15 10.39
C GLN A 92 -5.17 -4.25 9.19
N GLU A 93 -3.91 -4.15 8.76
CA GLU A 93 -3.53 -3.33 7.60
C GLU A 93 -2.98 -4.27 6.52
N ARG A 94 -3.30 -4.03 5.25
CA ARG A 94 -2.74 -4.86 4.20
C ARG A 94 -2.31 -4.00 3.04
N VAL A 95 -1.33 -4.51 2.30
CA VAL A 95 -1.10 -4.14 0.90
C VAL A 95 -1.28 -5.43 0.14
N ILE A 96 -2.07 -5.39 -0.91
CA ILE A 96 -2.32 -6.56 -1.75
C ILE A 96 -1.88 -6.25 -3.17
N VAL A 97 -0.98 -7.07 -3.73
CA VAL A 97 -0.39 -6.80 -5.04
C VAL A 97 -0.88 -7.88 -6.00
N PHE A 98 -1.65 -7.50 -7.01
CA PHE A 98 -2.14 -8.42 -8.03
C PHE A 98 -1.11 -8.48 -9.14
N LYS A 99 -0.65 -9.67 -9.47
CA LYS A 99 0.43 -9.85 -10.44
C LYS A 99 0.05 -9.20 -11.75
N ASP A 100 0.92 -8.31 -12.24
CA ASP A 100 0.72 -7.59 -13.47
C ASP A 100 -0.55 -6.77 -13.46
N ASP A 101 -1.05 -6.42 -12.28
CA ASP A 101 -2.18 -5.49 -12.22
C ASP A 101 -1.94 -4.50 -11.08
N GLY A 102 -2.99 -3.98 -10.46
CA GLY A 102 -2.87 -2.94 -9.45
C GLY A 102 -2.76 -3.48 -8.04
N ALA A 103 -2.94 -2.57 -7.09
CA ALA A 103 -2.68 -2.90 -5.69
C ALA A 103 -3.84 -2.41 -4.87
N PHE A 104 -4.21 -3.16 -3.82
CA PHE A 104 -5.15 -2.65 -2.83
C PHE A 104 -4.35 -2.23 -1.63
N VAL A 105 -4.82 -1.18 -0.94
CA VAL A 105 -4.32 -0.80 0.40
C VAL A 105 -5.52 -0.80 1.33
N THR A 106 -5.47 -1.61 2.43
CA THR A 106 -6.63 -1.64 3.31
C THR A 106 -6.26 -1.37 4.77
N ARG A 107 -7.23 -0.81 5.49
CA ARG A 107 -7.10 -0.71 6.95
C ARG A 107 -8.44 -1.09 7.59
N ALA A 108 -8.38 -1.94 8.64
CA ALA A 108 -9.64 -2.39 9.21
C ALA A 108 -9.47 -2.43 10.71
N GLU A 109 -10.58 -2.26 11.45
CA GLU A 109 -10.60 -2.43 12.90
C GLU A 109 -11.54 -3.60 13.17
N VAL A 110 -11.04 -4.60 13.88
CA VAL A 110 -11.79 -5.80 14.22
C VAL A 110 -11.92 -5.79 15.73
N LYS A 111 -13.15 -5.80 16.24
CA LYS A 111 -13.38 -5.69 17.69
C LYS A 111 -14.81 -6.11 18.01
N PHE A 112 -15.09 -6.37 19.30
CA PHE A 112 -16.45 -6.64 19.72
C PHE A 112 -17.23 -5.33 19.83
N GLU A 113 -18.44 -5.32 19.31
CA GLU A 113 -19.40 -4.21 19.47
C GLU A 113 -20.56 -4.88 20.14
N GLY A 114 -20.56 -4.82 21.47
CA GLY A 114 -21.58 -5.56 22.20
C GLY A 114 -21.19 -7.01 22.10
N ASP A 115 -22.09 -7.85 21.64
CA ASP A 115 -21.76 -9.26 21.56
C ASP A 115 -21.50 -9.72 20.13
N THR A 116 -21.25 -8.74 19.24
CA THR A 116 -21.02 -9.01 17.81
C THR A 116 -19.57 -8.69 17.50
N LEU A 117 -18.93 -9.56 16.69
CA LEU A 117 -17.57 -9.32 16.27
C LEU A 117 -17.64 -8.49 14.98
N ALA A 118 -17.10 -7.29 14.99
CA ALA A 118 -17.28 -6.31 13.90
C ALA A 118 -15.97 -6.07 13.16
N ASN A 119 -16.00 -6.13 11.81
CA ASN A 119 -14.82 -5.89 10.96
C ASN A 119 -15.15 -4.67 10.11
N ARG A 120 -14.50 -3.54 10.37
CA ARG A 120 -14.85 -2.30 9.68
C ARG A 120 -13.64 -1.86 8.89
N ILE A 121 -13.80 -1.71 7.57
CA ILE A 121 -12.68 -1.71 6.61
C ILE A 121 -12.75 -0.49 5.71
N GLU A 122 -11.61 0.13 5.44
CA GLU A 122 -11.44 1.09 4.34
C GLU A 122 -10.46 0.51 3.36
N LEU A 123 -10.79 0.63 2.07
CA LEU A 123 -9.98 0.01 1.02
C LEU A 123 -9.73 1.04 -0.08
N LYS A 124 -8.49 1.11 -0.59
CA LYS A 124 -8.23 1.99 -1.74
C LYS A 124 -7.46 1.18 -2.74
N GLY A 125 -7.89 1.17 -3.99
CA GLY A 125 -7.20 0.40 -5.02
C GLY A 125 -6.66 1.33 -6.07
N MET A 126 -5.38 1.13 -6.45
CA MET A 126 -4.70 1.99 -7.41
C MET A 126 -4.11 1.20 -8.57
N ASN A 127 -4.06 1.87 -9.73
CA ASN A 127 -3.31 1.39 -10.90
C ASN A 127 -3.81 0.07 -11.47
N PHE A 128 -5.14 -0.18 -11.44
CA PHE A 128 -5.67 -1.40 -12.08
C PHE A 128 -5.86 -1.15 -13.58
N LYS A 129 -5.49 -2.14 -14.43
CA LYS A 129 -5.66 -1.97 -15.88
C LYS A 129 -7.12 -2.01 -16.23
N GLU A 130 -7.60 -0.99 -16.94
CA GLU A 130 -9.04 -0.94 -17.07
C GLU A 130 -9.60 -1.99 -18.04
N ASP A 131 -8.72 -2.67 -18.77
CA ASP A 131 -9.08 -3.83 -19.58
C ASP A 131 -8.41 -5.12 -19.09
N GLY A 132 -7.85 -5.16 -17.89
CA GLY A 132 -7.25 -6.36 -17.34
C GLY A 132 -8.28 -7.30 -16.73
N TRP A 133 -7.78 -8.32 -16.00
CA TRP A 133 -8.64 -9.42 -15.54
C TRP A 133 -9.60 -8.98 -14.45
N ILE A 134 -9.21 -7.96 -13.67
CA ILE A 134 -9.93 -7.46 -12.50
C ILE A 134 -11.03 -6.57 -12.99
N MET A 135 -10.64 -5.41 -13.58
CA MET A 135 -11.65 -4.47 -14.00
C MET A 135 -12.48 -5.02 -15.14
N GLY A 136 -11.97 -5.97 -15.87
CA GLY A 136 -12.84 -6.53 -16.89
C GLY A 136 -13.60 -7.76 -16.45
N HIS A 137 -13.60 -8.09 -15.17
CA HIS A 137 -14.40 -9.19 -14.66
C HIS A 137 -14.14 -10.50 -15.41
N LYS A 138 -12.86 -10.92 -15.40
CA LYS A 138 -12.42 -12.18 -15.98
C LYS A 138 -12.06 -13.24 -14.93
N LEU A 139 -12.33 -12.96 -13.66
CA LEU A 139 -12.06 -13.92 -12.59
C LEU A 139 -13.24 -14.85 -12.42
N GLU A 140 -12.94 -16.12 -12.17
CA GLU A 140 -14.03 -17.08 -11.93
C GLU A 140 -14.60 -16.83 -10.52
N TYR A 141 -15.93 -16.99 -10.38
CA TYR A 141 -16.58 -16.90 -9.07
C TYR A 141 -16.33 -18.21 -8.37
N ASN A 142 -15.21 -18.30 -7.66
CA ASN A 142 -14.68 -19.52 -7.08
C ASN A 142 -13.47 -19.12 -6.24
N TYR A 143 -12.92 -20.07 -5.46
CA TYR A 143 -11.84 -19.70 -4.53
C TYR A 143 -11.03 -20.96 -4.18
N ASN A 144 -9.74 -20.75 -3.82
CA ASN A 144 -8.78 -21.82 -3.59
C ASN A 144 -8.43 -21.90 -2.11
N SER A 145 -7.63 -22.89 -1.76
CA SER A 145 -7.20 -23.15 -0.38
C SER A 145 -5.77 -22.66 -0.21
N HIS A 146 -5.50 -21.95 0.89
CA HIS A 146 -4.20 -21.31 0.99
C HIS A 146 -3.57 -21.54 2.35
N ASN A 147 -2.31 -21.11 2.47
CA ASN A 147 -1.59 -21.10 3.74
C ASN A 147 -1.24 -19.65 4.07
N VAL A 148 -1.53 -19.26 5.31
CA VAL A 148 -1.36 -17.88 5.78
C VAL A 148 -0.27 -17.91 6.82
N TYR A 149 0.86 -17.23 6.58
CA TYR A 149 2.03 -17.36 7.45
C TYR A 149 2.05 -16.23 8.47
N ILE A 150 2.23 -16.58 9.74
CA ILE A 150 2.10 -15.62 10.83
C ILE A 150 3.36 -15.68 11.67
N GLU A 151 3.89 -14.51 12.04
CA GLU A 151 5.05 -14.42 12.90
C GLU A 151 4.83 -13.24 13.84
N ALA A 152 5.49 -13.28 15.01
CA ALA A 152 5.44 -12.12 15.89
C ALA A 152 6.25 -10.95 15.33
N ASP A 153 5.71 -9.76 15.51
CA ASP A 153 6.33 -8.46 15.24
C ASP A 153 6.56 -7.79 16.59
N LYS A 154 7.67 -8.15 17.25
CA LYS A 154 7.83 -7.70 18.63
C LYS A 154 7.98 -6.19 18.72
N GLU A 155 8.52 -5.55 17.67
CA GLU A 155 8.64 -4.09 17.67
C GLU A 155 7.27 -3.42 17.83
N LYS A 156 6.25 -3.94 17.15
CA LYS A 156 4.94 -3.32 17.16
C LYS A 156 3.95 -4.01 18.09
N ASN A 157 4.44 -4.85 19.02
CA ASN A 157 3.54 -5.60 19.89
C ASN A 157 2.41 -6.28 19.10
N GLY A 158 2.73 -6.78 17.93
CA GLY A 158 1.71 -7.38 17.07
C GLY A 158 2.26 -8.50 16.25
N ILE A 159 1.63 -8.74 15.10
CA ILE A 159 2.08 -9.82 14.23
C ILE A 159 2.24 -9.29 12.81
N ARG A 160 3.04 -10.03 12.03
CA ARG A 160 3.24 -9.83 10.61
C ARG A 160 2.77 -11.07 9.91
N VAL A 161 2.06 -10.89 8.80
CA VAL A 161 1.38 -11.97 8.13
C VAL A 161 1.66 -11.83 6.64
N ASN A 162 2.00 -12.94 5.96
CA ASN A 162 2.18 -12.82 4.53
C ASN A 162 1.64 -14.09 3.88
N PHE A 163 1.15 -13.97 2.66
CA PHE A 163 0.69 -15.16 1.95
C PHE A 163 0.38 -14.78 0.52
N LYS A 164 0.20 -15.80 -0.31
CA LYS A 164 -0.09 -15.58 -1.72
C LYS A 164 -1.40 -16.29 -1.99
N ILE A 165 -2.40 -15.57 -2.54
CA ILE A 165 -3.65 -16.20 -2.97
C ILE A 165 -3.61 -16.43 -4.48
N ARG A 166 -4.28 -17.49 -4.93
CA ARG A 166 -4.44 -17.79 -6.34
C ARG A 166 -5.92 -17.58 -6.68
N LEU A 167 -6.21 -16.53 -7.43
CA LEU A 167 -7.61 -16.28 -7.82
C LEU A 167 -7.88 -16.99 -9.16
N PRO A 168 -8.89 -17.86 -9.24
CA PRO A 168 -9.11 -18.60 -10.49
C PRO A 168 -9.67 -17.69 -11.57
N LEU A 169 -9.17 -17.93 -12.78
CA LEU A 169 -9.60 -17.20 -13.96
C LEU A 169 -10.66 -17.98 -14.68
N LYS A 170 -11.59 -17.28 -15.34
CA LYS A 170 -12.72 -17.96 -15.98
C LYS A 170 -12.24 -18.94 -17.06
N ASP A 171 -11.20 -18.58 -17.80
CA ASP A 171 -10.83 -19.42 -18.93
C ASP A 171 -9.77 -20.46 -18.53
N GLY A 172 -9.27 -20.43 -17.30
CA GLY A 172 -8.27 -21.35 -16.77
C GLY A 172 -7.06 -20.63 -16.16
N GLY A 173 -6.38 -21.28 -15.26
CA GLY A 173 -5.24 -20.61 -14.64
C GLY A 173 -5.68 -19.73 -13.48
N VAL A 174 -4.71 -18.95 -12.96
CA VAL A 174 -4.95 -18.17 -11.74
C VAL A 174 -4.30 -16.82 -11.89
N LEU A 175 -4.86 -15.83 -11.20
CA LEU A 175 -4.19 -14.54 -10.96
C LEU A 175 -3.61 -14.54 -9.55
N LEU A 176 -2.29 -14.37 -9.43
CA LEU A 176 -1.66 -14.39 -8.10
C LEU A 176 -1.84 -13.04 -7.40
N ALA A 177 -2.06 -13.07 -6.07
CA ALA A 177 -2.20 -11.83 -5.31
C ALA A 177 -1.39 -11.95 -4.02
N ASP A 178 -0.29 -11.19 -3.92
CA ASP A 178 0.52 -11.20 -2.72
C ASP A 178 -0.07 -10.31 -1.65
N HIS A 179 -0.20 -10.85 -0.43
CA HIS A 179 -0.74 -10.15 0.71
C HIS A 179 0.39 -9.85 1.67
N TYR A 180 0.53 -8.57 2.01
CA TYR A 180 1.43 -8.06 3.05
C TYR A 180 0.56 -7.57 4.18
N GLN A 181 0.68 -8.15 5.39
CA GLN A 181 -0.32 -7.85 6.42
C GLN A 181 0.36 -7.55 7.75
N GLN A 182 -0.22 -6.65 8.55
CA GLN A 182 0.26 -6.34 9.90
C GLN A 182 -0.94 -6.22 10.82
N ASN A 183 -0.87 -6.80 12.03
CA ASN A 183 -1.95 -6.59 12.98
C ASN A 183 -1.36 -6.08 14.28
N THR A 184 -2.04 -5.08 14.87
CA THR A 184 -1.57 -4.47 16.11
C THR A 184 -2.80 -4.28 17.00
N PRO A 185 -2.66 -4.54 18.31
CA PRO A 185 -3.81 -4.36 19.23
C PRO A 185 -4.26 -2.91 19.30
N ILE A 186 -5.55 -2.76 19.57
CA ILE A 186 -6.15 -1.45 19.78
C ILE A 186 -5.97 -1.04 21.23
N GLY A 187 -6.13 -1.96 22.15
CA GLY A 187 -5.99 -1.66 23.57
C GLY A 187 -4.56 -1.84 24.03
N ASP A 188 -4.34 -1.58 25.31
CA ASP A 188 -3.02 -1.50 25.93
C ASP A 188 -2.66 -2.77 26.68
N GLY A 189 -3.62 -3.65 26.94
CA GLY A 189 -3.37 -4.83 27.74
C GLY A 189 -2.58 -5.91 26.98
N PRO A 190 -2.18 -6.98 27.68
CA PRO A 190 -1.26 -7.96 27.09
C PRO A 190 -1.95 -8.77 26.00
N VAL A 191 -1.18 -9.14 24.95
CA VAL A 191 -1.67 -10.00 23.89
C VAL A 191 -0.66 -11.15 23.75
N LEU A 192 -1.13 -12.25 23.16
CA LEU A 192 -0.26 -13.40 22.85
C LEU A 192 0.58 -13.13 21.60
N LEU A 193 1.91 -13.11 21.76
CA LEU A 193 2.80 -12.96 20.61
C LEU A 193 3.30 -14.33 20.16
N PRO A 194 2.94 -14.82 18.98
CA PRO A 194 3.14 -16.24 18.66
C PRO A 194 4.54 -16.52 18.15
N ASP A 195 4.91 -17.77 18.18
CA ASP A 195 5.98 -18.30 17.36
C ASP A 195 5.49 -18.45 15.92
N PRO A 196 6.41 -18.56 14.95
CA PRO A 196 5.97 -18.66 13.54
C PRO A 196 5.12 -19.88 13.31
N HIS A 197 4.02 -19.71 12.57
CA HIS A 197 3.06 -20.80 12.30
C HIS A 197 2.21 -20.39 11.09
N TYR A 198 1.20 -21.19 10.75
CA TYR A 198 0.38 -20.79 9.61
C TYR A 198 -1.06 -21.16 9.86
N LEU A 199 -1.95 -20.63 9.01
CA LEU A 199 -3.36 -20.98 9.01
C LEU A 199 -3.61 -21.65 7.66
N SER A 200 -4.39 -22.71 7.68
CA SER A 200 -4.81 -23.42 6.49
C SER A 200 -6.27 -23.06 6.22
N THR A 201 -6.57 -22.61 5.00
CA THR A 201 -7.88 -22.00 4.73
C THR A 201 -8.57 -22.72 3.62
N GLN A 202 -9.90 -22.79 3.70
CA GLN A 202 -10.68 -23.31 2.58
C GLN A 202 -11.91 -22.46 2.52
N SER A 203 -12.37 -22.14 1.31
CA SER A 203 -13.53 -21.26 1.17
C SER A 203 -14.42 -21.73 0.02
N VAL A 204 -15.74 -21.47 0.16
CA VAL A 204 -16.73 -21.77 -0.86
C VAL A 204 -17.57 -20.52 -1.09
N LEU A 205 -17.69 -20.10 -2.35
CA LEU A 205 -18.50 -18.92 -2.71
C LEU A 205 -19.76 -19.39 -3.37
N SER A 206 -20.87 -18.74 -3.10
CA SER A 206 -22.11 -19.19 -3.72
C SER A 206 -23.03 -18.00 -3.81
N LYS A 207 -24.20 -18.22 -4.40
CA LYS A 207 -25.16 -17.15 -4.58
C LYS A 207 -26.51 -17.51 -3.98
N ASP A 208 -27.28 -16.47 -3.68
CA ASP A 208 -28.66 -16.65 -3.20
C ASP A 208 -29.57 -16.34 -4.38
N PRO A 209 -30.30 -17.32 -4.95
CA PRO A 209 -31.18 -17.01 -6.11
C PRO A 209 -32.19 -15.90 -5.84
N ASN A 210 -32.55 -15.64 -4.57
CA ASN A 210 -33.55 -14.62 -4.25
C ASN A 210 -32.96 -13.24 -3.91
N GLU A 211 -31.65 -13.08 -3.93
CA GLU A 211 -31.06 -11.78 -3.64
C GLU A 211 -30.76 -11.09 -4.96
N THR A 212 -31.55 -10.06 -5.31
CA THR A 212 -31.35 -9.34 -6.57
C THR A 212 -30.16 -8.41 -6.50
N ARG A 213 -29.69 -8.06 -5.32
CA ARG A 213 -28.55 -7.16 -5.24
C ARG A 213 -27.27 -7.91 -5.50
N ASP A 214 -26.23 -7.21 -6.00
CA ASP A 214 -24.94 -7.87 -6.18
C ASP A 214 -24.42 -8.36 -4.83
N HIS A 215 -24.05 -9.64 -4.73
CA HIS A 215 -23.80 -10.19 -3.39
C HIS A 215 -22.84 -11.35 -3.47
N MET A 216 -22.37 -11.79 -2.30
CA MET A 216 -21.60 -13.04 -2.24
C MET A 216 -21.92 -13.76 -0.95
N VAL A 217 -22.17 -15.08 -1.03
CA VAL A 217 -22.31 -15.94 0.14
C VAL A 217 -21.00 -16.69 0.34
N LEU A 218 -20.47 -16.65 1.56
CA LEU A 218 -19.14 -17.23 1.85
C LEU A 218 -19.25 -18.26 2.97
N LEU A 219 -18.68 -19.44 2.73
CA LEU A 219 -18.47 -20.44 3.75
C LEU A 219 -16.97 -20.61 3.84
N GLU A 220 -16.44 -20.63 5.06
CA GLU A 220 -14.97 -20.69 5.13
C GLU A 220 -14.57 -21.54 6.32
N PHE A 221 -13.48 -22.33 6.16
CA PHE A 221 -12.94 -23.14 7.25
C PHE A 221 -11.49 -22.76 7.42
N VAL A 222 -11.08 -22.44 8.64
CA VAL A 222 -9.69 -22.03 8.84
C VAL A 222 -9.14 -22.73 10.08
N THR A 223 -7.94 -23.31 9.95
CA THR A 223 -7.32 -24.04 11.07
C THR A 223 -5.84 -23.71 11.19
N ALA A 224 -5.39 -23.43 12.41
CA ALA A 224 -4.00 -23.10 12.63
C ALA A 224 -3.18 -24.38 12.63
N ALA A 225 -1.93 -24.28 12.16
CA ALA A 225 -1.07 -25.46 12.11
C ALA A 225 0.40 -25.03 12.15
N GLY A 226 1.28 -26.04 12.09
CA GLY A 226 2.69 -25.78 11.95
C GLY A 226 3.34 -25.44 13.26
N ILE A 227 2.69 -25.81 14.37
CA ILE A 227 3.25 -25.98 15.72
C ILE A 227 4.78 -26.03 15.78
N PRO A 228 5.43 -25.00 16.31
CA PRO A 228 6.88 -25.12 16.66
C PRO A 228 7.09 -25.69 18.06
N LEU A 229 6.91 -27.01 18.20
CA LEU A 229 7.11 -27.74 19.47
C LEU A 229 6.21 -27.18 20.55
N MET B 1 0.56 28.17 -22.39
CA MET B 1 1.16 27.87 -21.06
C MET B 1 0.11 28.20 -19.97
N THR B 2 -0.02 27.36 -18.98
CA THR B 2 -0.95 27.64 -17.89
C THR B 2 -0.25 28.49 -16.81
N PRO B 3 -1.02 29.15 -15.93
CA PRO B 3 -0.41 29.93 -14.85
C PRO B 3 0.46 29.05 -13.96
N GLY B 4 0.02 27.81 -13.74
CA GLY B 4 0.85 26.90 -12.95
C GLY B 4 2.21 26.66 -13.60
N GLU B 5 2.22 26.42 -14.92
CA GLU B 5 3.49 26.25 -15.61
C GLU B 5 4.35 27.50 -15.48
N GLU B 6 3.71 28.66 -15.47
CA GLU B 6 4.53 29.87 -15.43
C GLU B 6 5.12 30.13 -14.04
N LEU B 7 4.64 29.43 -13.00
CA LEU B 7 5.29 29.55 -11.69
C LEU B 7 6.71 29.01 -11.71
N PHE B 8 7.10 28.31 -12.79
CA PHE B 8 8.40 27.65 -12.85
C PHE B 8 9.36 28.30 -13.83
N THR B 9 9.14 29.58 -14.18
CA THR B 9 10.10 30.21 -15.09
C THR B 9 11.41 30.52 -14.41
N GLY B 10 11.41 30.72 -13.09
CA GLY B 10 12.64 30.95 -12.36
C GLY B 10 13.08 29.69 -11.60
N VAL B 11 14.03 29.88 -10.70
CA VAL B 11 14.49 28.77 -9.86
C VAL B 11 13.65 28.82 -8.59
N VAL B 12 13.01 27.72 -8.25
CA VAL B 12 12.01 27.71 -7.19
C VAL B 12 12.58 26.98 -5.98
N PRO B 13 12.52 27.56 -4.77
CA PRO B 13 12.99 26.83 -3.58
C PRO B 13 12.06 25.66 -3.31
N ILE B 14 12.65 24.58 -2.78
CA ILE B 14 11.91 23.37 -2.45
C ILE B 14 12.08 23.07 -0.97
N LEU B 15 11.03 22.55 -0.35
CA LEU B 15 11.04 22.00 1.00
C LEU B 15 10.50 20.58 0.92
N VAL B 16 11.13 19.64 1.61
CA VAL B 16 10.59 18.27 1.71
C VAL B 16 10.48 17.91 3.19
N GLU B 17 9.40 17.27 3.58
CA GLU B 17 9.30 16.79 4.96
C GLU B 17 8.69 15.38 4.89
N LEU B 18 9.30 14.40 5.56
CA LEU B 18 8.78 13.04 5.55
C LEU B 18 8.60 12.56 6.98
N ASP B 19 7.42 12.03 7.31
CA ASP B 19 7.19 11.28 8.55
C ASP B 19 7.04 9.81 8.23
N GLY B 20 7.91 8.97 8.80
CA GLY B 20 7.97 7.60 8.40
C GLY B 20 7.85 6.67 9.59
N ASP B 21 7.41 5.46 9.28
CA ASP B 21 7.30 4.39 10.28
C ASP B 21 7.58 3.10 9.54
N VAL B 22 8.73 2.50 9.78
CA VAL B 22 9.07 1.28 9.08
C VAL B 22 9.27 0.19 10.13
N ASN B 23 8.49 -0.89 10.03
CA ASN B 23 8.48 -1.96 11.03
C ASN B 23 8.35 -1.40 12.47
N GLY B 24 7.54 -0.37 12.64
CA GLY B 24 7.45 0.30 13.92
C GLY B 24 8.56 1.30 14.27
N HIS B 25 9.59 1.48 13.46
CA HIS B 25 10.63 2.46 13.79
C HIS B 25 10.22 3.78 13.16
N LYS B 26 9.95 4.77 14.02
CA LYS B 26 9.52 6.07 13.58
C LYS B 26 10.70 6.96 13.25
N PHE B 27 10.57 7.74 12.19
CA PHE B 27 11.68 8.62 11.82
C PHE B 27 11.13 9.80 11.04
N SER B 28 11.91 10.85 10.98
CA SER B 28 11.53 12.03 10.22
C SER B 28 12.74 12.51 9.43
N VAL B 29 12.48 13.08 8.25
CA VAL B 29 13.53 13.66 7.39
C VAL B 29 13.05 15.03 6.92
N SER B 30 13.93 16.05 7.00
CA SER B 30 13.70 17.36 6.41
C SER B 30 14.65 17.54 5.23
N GLY B 31 14.12 18.06 4.13
CA GLY B 31 14.96 18.38 2.98
C GLY B 31 14.76 19.82 2.56
N GLU B 32 15.81 20.35 1.92
CA GLU B 32 15.82 21.72 1.40
C GLU B 32 16.57 21.73 0.08
N GLY B 33 16.11 22.54 -0.86
CA GLY B 33 16.90 22.70 -2.07
C GLY B 33 16.17 23.60 -3.04
N GLU B 34 16.40 23.39 -4.33
CA GLU B 34 15.69 24.23 -5.30
C GLU B 34 15.60 23.47 -6.61
N GLY B 35 14.69 23.91 -7.49
CA GLY B 35 14.50 23.29 -8.78
C GLY B 35 14.43 24.31 -9.89
N ASP B 36 14.99 23.94 -11.04
CA ASP B 36 15.03 24.75 -12.26
C ASP B 36 14.38 23.95 -13.39
N ALA B 37 13.08 24.13 -13.60
CA ALA B 37 12.39 23.39 -14.64
C ALA B 37 12.86 23.80 -16.03
N ARG B 38 13.45 24.96 -16.21
CA ARG B 38 14.03 25.26 -17.52
C ARG B 38 15.09 24.23 -17.95
N THR B 39 15.91 23.76 -17.00
CA THR B 39 16.93 22.75 -17.30
C THR B 39 16.55 21.36 -16.79
N GLY B 40 15.53 21.22 -15.97
CA GLY B 40 15.26 19.94 -15.37
C GLY B 40 16.17 19.59 -14.21
N LYS B 41 16.90 20.55 -13.67
CA LYS B 41 17.91 20.30 -12.65
C LYS B 41 17.34 20.55 -11.25
N LEU B 42 17.47 19.56 -10.36
CA LEU B 42 17.06 19.68 -8.97
C LEU B 42 18.28 19.51 -8.08
N THR B 43 18.43 20.33 -7.05
CA THR B 43 19.42 20.05 -6.00
C THR B 43 18.68 19.97 -4.66
N LEU B 44 18.91 18.90 -3.92
CA LEU B 44 18.18 18.72 -2.66
C LEU B 44 19.12 18.12 -1.63
N LYS B 45 18.95 18.51 -0.38
CA LYS B 45 19.74 17.94 0.72
C LYS B 45 18.81 17.50 1.82
N PHE B 46 18.98 16.27 2.33
CA PHE B 46 18.06 15.70 3.33
C PHE B 46 18.82 15.37 4.62
N ILE B 47 18.18 15.62 5.75
CA ILE B 47 18.77 15.33 7.07
C ILE B 47 17.74 14.51 7.86
N CYS B 48 18.16 13.35 8.35
CA CYS B 48 17.31 12.61 9.27
C CYS B 48 17.30 13.33 10.62
N THR B 49 16.16 13.87 11.02
CA THR B 49 16.15 14.69 12.26
C THR B 49 15.94 13.85 13.52
N THR B 50 15.72 12.55 13.39
CA THR B 50 15.43 11.68 14.52
C THR B 50 16.62 10.82 14.89
N GLY B 51 17.75 10.98 14.20
CA GLY B 51 18.97 10.25 14.47
C GLY B 51 19.39 9.45 13.24
N LYS B 52 19.57 8.13 13.38
CA LYS B 52 19.96 7.28 12.25
C LYS B 52 18.73 6.88 11.44
N LEU B 53 18.79 7.05 10.12
CA LEU B 53 17.71 6.64 9.26
C LEU B 53 17.60 5.11 9.29
N PRO B 54 16.42 4.54 9.53
CA PRO B 54 16.34 3.07 9.70
C PRO B 54 16.23 2.28 8.41
N VAL B 55 16.29 2.96 7.28
CA VAL B 55 16.30 2.34 5.94
C VAL B 55 17.44 2.99 5.18
N PRO B 56 17.90 2.37 4.08
CA PRO B 56 18.96 3.03 3.27
C PRO B 56 18.41 4.27 2.57
N TRP B 57 19.22 5.32 2.53
CA TRP B 57 18.82 6.52 1.77
C TRP B 57 18.31 6.24 0.36
N PRO B 58 18.92 5.34 -0.42
CA PRO B 58 18.42 5.12 -1.79
C PRO B 58 16.97 4.63 -1.87
N THR B 59 16.45 3.93 -0.84
CA THR B 59 15.05 3.48 -0.89
C THR B 59 14.06 4.63 -0.84
N LEU B 60 14.48 5.83 -0.40
CA LEU B 60 13.60 7.00 -0.29
C LEU B 60 13.72 8.03 -1.43
N VAL B 61 14.66 7.88 -2.36
CA VAL B 61 14.88 8.92 -3.39
C VAL B 61 13.58 9.22 -4.17
N THR B 62 12.87 8.17 -4.59
CA THR B 62 11.66 8.42 -5.38
C THR B 62 10.56 9.09 -4.58
N THR B 63 10.48 8.80 -3.28
CA THR B 63 9.49 9.42 -2.43
C THR B 63 9.81 10.91 -2.22
N PHE B 64 11.07 11.24 -1.92
CA PHE B 64 11.50 12.66 -1.76
C PHE B 64 11.32 13.44 -3.05
N1 GYS B 65 11.71 12.73 -4.19
OG1 GYS B 65 13.47 14.33 -6.94
CB1 GYS B 65 13.34 13.57 -5.75
CA1 GYS B 65 11.84 13.51 -5.45
C1 GYS B 65 11.11 12.62 -6.43
N2 GYS B 65 11.66 11.74 -7.34
N3 GYS B 65 9.73 12.59 -6.48
C2 GYS B 65 9.41 11.68 -7.37
O2 GYS B 65 8.18 11.33 -7.74
CA2 GYS B 65 10.62 11.13 -7.92
CA3 GYS B 65 8.81 13.32 -5.64
CB2 GYS B 65 10.63 10.10 -8.96
CG2 GYS B 65 11.84 9.48 -9.52
CD1 GYS B 65 13.12 9.73 -9.03
CD2 GYS B 65 11.61 8.49 -10.46
CE1 GYS B 65 14.22 9.08 -9.56
CE2 GYS B 65 12.70 7.84 -11.03
CZ GYS B 65 13.97 8.15 -10.58
OH GYS B 65 15.03 7.47 -11.13
C3 GYS B 65 8.29 14.67 -6.07
O3 GYS B 65 7.27 14.94 -5.42
N VAL B 66 9.22 15.27 -6.96
CA VAL B 66 8.66 16.62 -7.24
C VAL B 66 8.72 16.75 -8.73
N GLN B 67 7.92 15.91 -9.39
CA GLN B 67 8.12 15.81 -10.86
C GLN B 67 7.62 17.04 -11.61
N CYS B 68 7.06 17.99 -10.88
CA CYS B 68 6.75 19.28 -11.50
C CYS B 68 8.01 20.03 -11.94
N PHE B 69 9.21 19.59 -11.52
CA PHE B 69 10.45 20.20 -12.04
C PHE B 69 10.99 19.58 -13.32
N SER B 70 10.27 18.63 -13.96
CA SER B 70 10.77 18.06 -15.21
C SER B 70 10.91 19.16 -16.26
N ARG B 71 11.98 19.09 -17.06
CA ARG B 71 12.05 19.89 -18.31
C ARG B 71 11.09 19.29 -19.34
N TYR B 72 10.04 20.00 -19.66
CA TYR B 72 9.19 19.62 -20.79
C TYR B 72 9.56 20.47 -22.00
N PRO B 73 9.53 19.97 -23.24
CA PRO B 73 9.91 20.82 -24.40
C PRO B 73 9.04 22.05 -24.53
N ASP B 74 9.69 23.23 -24.52
CA ASP B 74 8.94 24.50 -24.48
C ASP B 74 8.22 24.79 -25.79
N HIS B 75 8.81 24.40 -26.94
CA HIS B 75 8.22 24.62 -28.26
C HIS B 75 7.53 23.38 -28.84
N ILE B 76 7.26 22.35 -28.05
CA ILE B 76 6.40 21.26 -28.50
C ILE B 76 5.14 21.20 -27.63
N ARG B 77 3.98 21.17 -28.30
CA ARG B 77 2.68 21.02 -27.64
C ARG B 77 2.70 19.87 -26.66
N HIS B 78 2.19 20.11 -25.46
CA HIS B 78 2.25 19.09 -24.42
C HIS B 78 1.36 19.53 -23.26
N HIS B 79 1.00 18.56 -22.47
CA HIS B 79 0.21 18.74 -21.26
C HIS B 79 1.12 18.33 -20.09
N ASP B 80 1.48 19.31 -19.26
CA ASP B 80 2.31 19.11 -18.07
C ASP B 80 1.35 19.09 -16.90
N PHE B 81 0.87 17.89 -16.54
CA PHE B 81 -0.05 17.74 -15.41
C PHE B 81 0.54 18.36 -14.15
N PHE B 82 1.81 18.04 -13.87
CA PHE B 82 2.40 18.35 -12.58
C PHE B 82 2.43 19.86 -12.38
N LYS B 83 2.92 20.63 -13.37
CA LYS B 83 2.98 22.10 -13.16
C LYS B 83 1.60 22.72 -13.21
N SER B 84 0.75 22.22 -14.14
CA SER B 84 -0.57 22.83 -14.33
C SER B 84 -1.46 22.71 -13.09
N ALA B 85 -1.21 21.71 -12.24
CA ALA B 85 -1.93 21.59 -10.95
C ALA B 85 -1.59 22.70 -9.94
N MET B 86 -0.46 23.38 -10.10
CA MET B 86 0.03 24.40 -9.18
C MET B 86 -0.73 25.72 -9.40
N PRO B 87 -0.87 26.57 -8.35
CA PRO B 87 -0.21 26.38 -7.04
C PRO B 87 -0.94 25.46 -6.06
N GLU B 88 -2.20 25.08 -6.32
CA GLU B 88 -2.94 24.30 -5.33
C GLU B 88 -2.35 22.90 -5.13
N GLY B 89 -1.81 22.30 -6.20
CA GLY B 89 -0.95 21.15 -6.10
C GLY B 89 -1.65 19.82 -6.39
N TYR B 90 -0.94 18.75 -6.02
CA TYR B 90 -1.47 17.41 -6.25
C TYR B 90 -1.10 16.50 -5.09
N VAL B 91 -1.89 15.45 -4.95
CA VAL B 91 -1.59 14.36 -4.03
C VAL B 91 -0.84 13.29 -4.81
N GLN B 92 0.24 12.78 -4.26
CA GLN B 92 1.02 11.74 -4.93
C GLN B 92 0.96 10.56 -3.99
N GLU B 93 0.39 9.44 -4.45
CA GLU B 93 0.25 8.22 -3.68
C GLU B 93 1.07 7.13 -4.31
N ARG B 94 1.81 6.35 -3.49
CA ARG B 94 2.54 5.23 -4.01
C ARG B 94 2.34 4.02 -3.12
N VAL B 95 2.43 2.87 -3.75
CA VAL B 95 2.81 1.61 -3.11
C VAL B 95 4.14 1.24 -3.75
N ILE B 96 5.11 0.88 -2.92
CA ILE B 96 6.41 0.45 -3.40
C ILE B 96 6.67 -0.93 -2.82
N VAL B 97 6.90 -1.90 -3.69
CA VAL B 97 7.09 -3.29 -3.30
C VAL B 97 8.54 -3.71 -3.56
N PHE B 98 9.25 -4.04 -2.48
CA PHE B 98 10.66 -4.43 -2.61
C PHE B 98 10.69 -5.95 -2.71
N LYS B 99 11.30 -6.47 -3.76
CA LYS B 99 11.18 -7.89 -4.08
C LYS B 99 11.77 -8.72 -2.96
N ASP B 100 10.99 -9.72 -2.51
CA ASP B 100 11.36 -10.59 -1.39
C ASP B 100 11.67 -9.80 -0.13
N ASP B 101 11.15 -8.57 -0.02
CA ASP B 101 11.18 -7.84 1.24
C ASP B 101 9.81 -7.16 1.46
N GLY B 102 9.78 -6.03 2.13
CA GLY B 102 8.54 -5.40 2.56
C GLY B 102 8.03 -4.38 1.56
N ALA B 103 7.04 -3.58 2.00
CA ALA B 103 6.40 -2.63 1.12
C ALA B 103 6.32 -1.29 1.81
N PHE B 104 6.41 -0.22 1.01
CA PHE B 104 6.11 1.11 1.49
C PHE B 104 4.74 1.53 0.97
N VAL B 105 3.99 2.27 1.77
CA VAL B 105 2.79 2.98 1.29
C VAL B 105 3.05 4.42 1.58
N THR B 106 2.91 5.31 0.57
CA THR B 106 3.21 6.71 0.81
C THR B 106 2.05 7.57 0.31
N ARG B 107 1.81 8.66 1.04
CA ARG B 107 0.94 9.71 0.59
C ARG B 107 1.67 11.05 0.74
N ALA B 108 1.68 11.85 -0.33
CA ALA B 108 2.34 13.14 -0.31
C ALA B 108 1.44 14.22 -0.90
N GLU B 109 1.58 15.43 -0.38
CA GLU B 109 0.99 16.62 -0.99
C GLU B 109 2.13 17.46 -1.52
N VAL B 110 2.06 17.82 -2.80
CA VAL B 110 3.07 18.68 -3.44
C VAL B 110 2.35 19.96 -3.88
N LYS B 111 2.74 21.09 -3.30
CA LYS B 111 1.97 22.32 -3.52
C LYS B 111 2.84 23.51 -3.11
N PHE B 112 2.45 24.69 -3.58
CA PHE B 112 3.19 25.88 -3.16
C PHE B 112 2.76 26.29 -1.78
N GLU B 113 3.74 26.67 -0.97
CA GLU B 113 3.46 27.27 0.34
C GLU B 113 4.22 28.58 0.30
N GLY B 114 3.52 29.68 0.07
CA GLY B 114 4.26 30.93 -0.14
C GLY B 114 5.01 30.83 -1.46
N ASP B 115 6.30 31.11 -1.44
CA ASP B 115 7.08 31.03 -2.65
C ASP B 115 7.70 29.65 -2.85
N THR B 116 7.45 28.69 -1.96
CA THR B 116 8.25 27.46 -1.88
C THR B 116 7.41 26.28 -2.34
N LEU B 117 8.00 25.44 -3.20
CA LEU B 117 7.31 24.22 -3.63
C LEU B 117 7.54 23.20 -2.51
N ALA B 118 6.47 22.75 -1.82
CA ALA B 118 6.60 21.86 -0.67
C ALA B 118 6.15 20.44 -1.01
N ASN B 119 6.94 19.44 -0.63
CA ASN B 119 6.56 18.03 -0.82
C ASN B 119 6.48 17.45 0.58
N ARG B 120 5.27 17.22 1.10
CA ARG B 120 5.07 16.71 2.46
C ARG B 120 4.49 15.29 2.42
N ILE B 121 5.21 14.36 3.03
CA ILE B 121 4.97 12.93 2.85
C ILE B 121 4.72 12.25 4.17
N GLU B 122 3.81 11.26 4.15
CA GLU B 122 3.75 10.30 5.24
C GLU B 122 4.03 8.93 4.62
N LEU B 123 4.84 8.14 5.28
CA LEU B 123 5.26 6.85 4.75
C LEU B 123 5.02 5.77 5.81
N LYS B 124 4.46 4.63 5.40
CA LYS B 124 4.32 3.46 6.24
C LYS B 124 5.00 2.29 5.57
N GLY B 125 5.88 1.60 6.29
CA GLY B 125 6.55 0.44 5.72
C GLY B 125 6.08 -0.81 6.48
N MET B 126 5.74 -1.86 5.73
CA MET B 126 5.30 -3.06 6.41
C MET B 126 5.98 -4.31 5.91
N ASN B 127 6.15 -5.25 6.88
CA ASN B 127 6.65 -6.60 6.61
C ASN B 127 8.08 -6.61 6.06
N PHE B 128 8.94 -5.73 6.55
CA PHE B 128 10.34 -5.78 6.14
C PHE B 128 11.08 -6.86 6.91
N LYS B 129 11.94 -7.62 6.22
CA LYS B 129 12.78 -8.59 6.95
C LYS B 129 13.81 -7.87 7.83
N GLU B 130 13.80 -8.16 9.12
CA GLU B 130 14.53 -7.30 10.06
C GLU B 130 16.05 -7.40 9.90
N ASP B 131 16.55 -8.48 9.35
CA ASP B 131 17.94 -8.59 8.93
C ASP B 131 18.05 -8.67 7.43
N GLY B 132 17.08 -8.12 6.71
CA GLY B 132 17.06 -8.17 5.26
C GLY B 132 17.93 -7.06 4.68
N TRP B 133 17.85 -6.89 3.35
CA TRP B 133 18.74 -5.94 2.72
C TRP B 133 18.45 -4.49 3.15
N ILE B 134 17.16 -4.18 3.40
CA ILE B 134 16.75 -2.82 3.75
C ILE B 134 17.06 -2.53 5.21
N MET B 135 16.42 -3.29 6.12
CA MET B 135 16.63 -3.07 7.54
C MET B 135 18.06 -3.30 7.96
N GLY B 136 18.79 -4.15 7.23
CA GLY B 136 20.18 -4.44 7.50
C GLY B 136 21.17 -3.50 6.86
N HIS B 137 20.71 -2.45 6.15
CA HIS B 137 21.59 -1.46 5.50
C HIS B 137 22.63 -2.14 4.58
N LYS B 138 22.14 -2.96 3.65
CA LYS B 138 22.96 -3.70 2.71
C LYS B 138 22.91 -3.15 1.27
N LEU B 139 22.41 -1.91 1.09
CA LEU B 139 22.30 -1.27 -0.22
C LEU B 139 23.47 -0.34 -0.48
N GLU B 140 23.94 -0.29 -1.72
CA GLU B 140 25.04 0.58 -2.04
C GLU B 140 24.51 2.04 -2.06
N TYR B 141 25.36 2.99 -1.67
CA TYR B 141 24.97 4.43 -1.70
C TYR B 141 25.25 4.99 -3.09
N ASN B 142 24.30 4.76 -3.99
CA ASN B 142 24.47 5.03 -5.41
C ASN B 142 23.06 5.01 -5.98
N TYR B 143 22.91 5.43 -7.23
CA TYR B 143 21.56 5.40 -7.80
C TYR B 143 21.61 5.31 -9.32
N ASN B 144 20.67 4.56 -9.91
CA ASN B 144 20.62 4.36 -11.36
C ASN B 144 19.69 5.39 -12.01
N SER B 145 19.82 5.53 -13.33
CA SER B 145 18.93 6.36 -14.13
C SER B 145 17.72 5.54 -14.59
N HIS B 146 16.58 6.19 -14.75
CA HIS B 146 15.37 5.45 -15.12
C HIS B 146 14.51 6.27 -16.08
N ASN B 147 13.71 5.55 -16.88
CA ASN B 147 12.62 6.14 -17.61
C ASN B 147 11.32 5.77 -16.91
N VAL B 148 10.47 6.74 -16.66
CA VAL B 148 9.20 6.40 -16.05
C VAL B 148 8.08 6.88 -16.96
N TYR B 149 7.16 5.97 -17.28
CA TYR B 149 6.09 6.23 -18.24
C TYR B 149 4.82 6.77 -17.56
N ILE B 150 4.34 7.91 -18.07
CA ILE B 150 3.18 8.62 -17.53
C ILE B 150 1.98 8.33 -18.42
N GLU B 151 0.82 8.04 -17.83
CA GLU B 151 -0.40 7.98 -18.63
C GLU B 151 -1.52 8.69 -17.88
N ALA B 152 -2.48 9.21 -18.64
CA ALA B 152 -3.66 9.82 -18.03
C ALA B 152 -4.48 8.78 -17.29
N ASP B 153 -5.07 9.20 -16.19
CA ASP B 153 -6.06 8.44 -15.44
C ASP B 153 -7.34 9.27 -15.54
N LYS B 154 -8.10 9.03 -16.61
CA LYS B 154 -9.28 9.86 -16.83
C LYS B 154 -10.30 9.72 -15.70
N GLU B 155 -10.45 8.53 -15.09
CA GLU B 155 -11.48 8.40 -14.06
C GLU B 155 -11.18 9.22 -12.81
N LYS B 156 -9.90 9.41 -12.48
CA LYS B 156 -9.47 10.19 -11.34
C LYS B 156 -8.99 11.58 -11.72
N ASN B 157 -9.15 11.96 -12.99
CA ASN B 157 -8.72 13.27 -13.47
C ASN B 157 -7.29 13.53 -13.01
N GLY B 158 -6.44 12.51 -13.15
CA GLY B 158 -5.03 12.65 -12.79
C GLY B 158 -4.20 11.82 -13.71
N ILE B 159 -3.07 11.33 -13.20
CA ILE B 159 -2.19 10.47 -13.99
C ILE B 159 -1.84 9.25 -13.16
N ARG B 160 -1.39 8.20 -13.85
CA ARG B 160 -0.83 7.02 -13.20
C ARG B 160 0.56 6.76 -13.75
N VAL B 161 1.40 6.14 -12.93
CA VAL B 161 2.78 5.81 -13.27
C VAL B 161 3.06 4.47 -12.64
N ASN B 162 3.63 3.51 -13.40
CA ASN B 162 4.20 2.25 -12.89
C ASN B 162 5.63 2.15 -13.37
N PHE B 163 6.58 1.86 -12.46
CA PHE B 163 7.95 1.75 -12.94
C PHE B 163 8.74 0.90 -11.95
N LYS B 164 9.84 0.35 -12.46
CA LYS B 164 10.72 -0.52 -11.68
C LYS B 164 12.05 0.20 -11.44
N ILE B 165 12.51 0.15 -10.20
CA ILE B 165 13.83 0.66 -9.84
C ILE B 165 14.70 -0.50 -9.44
N ARG B 166 15.95 -0.46 -9.83
CA ARG B 166 16.96 -1.45 -9.45
C ARG B 166 17.87 -0.76 -8.44
N LEU B 167 17.86 -1.26 -7.20
CA LEU B 167 18.72 -0.70 -6.17
C LEU B 167 19.95 -1.58 -6.02
N PRO B 168 21.15 -1.11 -6.26
CA PRO B 168 22.30 -2.04 -6.17
C PRO B 168 22.65 -2.36 -4.73
N LEU B 169 23.05 -3.61 -4.50
CA LEU B 169 23.46 -4.08 -3.17
C LEU B 169 24.96 -3.87 -2.96
N LYS B 170 25.33 -3.56 -1.71
CA LYS B 170 26.73 -3.41 -1.33
C LYS B 170 27.62 -4.56 -1.83
N ASP B 171 27.17 -5.80 -1.65
CA ASP B 171 27.99 -6.96 -1.93
C ASP B 171 27.68 -7.60 -3.30
N GLY B 172 27.05 -6.87 -4.20
CA GLY B 172 26.68 -7.38 -5.50
C GLY B 172 25.25 -7.83 -5.56
N GLY B 173 24.64 -7.66 -6.73
CA GLY B 173 23.22 -7.93 -6.87
C GLY B 173 22.41 -6.64 -6.84
N VAL B 174 21.10 -6.82 -7.06
CA VAL B 174 20.17 -5.69 -7.12
C VAL B 174 18.89 -6.05 -6.38
N LEU B 175 18.28 -5.03 -5.79
CA LEU B 175 16.99 -5.18 -5.14
C LEU B 175 16.00 -4.45 -6.03
N LEU B 176 15.09 -5.22 -6.62
CA LEU B 176 14.02 -4.63 -7.45
C LEU B 176 12.96 -3.95 -6.58
N ALA B 177 12.51 -2.76 -6.98
CA ALA B 177 11.49 -2.04 -6.22
C ALA B 177 10.40 -1.61 -7.21
N ASP B 178 9.22 -2.25 -7.14
CA ASP B 178 8.14 -1.95 -8.04
C ASP B 178 7.35 -0.78 -7.48
N HIS B 179 7.15 0.26 -8.28
CA HIS B 179 6.47 1.49 -7.85
C HIS B 179 5.13 1.60 -8.57
N TYR B 180 4.05 1.75 -7.81
CA TYR B 180 2.69 2.00 -8.28
C TYR B 180 2.33 3.40 -7.83
N GLN B 181 1.98 4.30 -8.78
CA GLN B 181 1.88 5.72 -8.43
C GLN B 181 0.60 6.30 -9.03
N GLN B 182 -0.12 7.11 -8.25
CA GLN B 182 -1.17 7.93 -8.81
C GLN B 182 -1.01 9.34 -8.29
N ASN B 183 -1.37 10.28 -9.15
CA ASN B 183 -1.36 11.69 -8.81
C ASN B 183 -2.73 12.26 -9.17
N THR B 184 -3.30 13.04 -8.24
CA THR B 184 -4.62 13.64 -8.41
C THR B 184 -4.55 15.09 -7.93
N PRO B 185 -5.23 16.00 -8.59
CA PRO B 185 -5.07 17.40 -8.21
C PRO B 185 -5.72 17.68 -6.87
N ILE B 186 -5.17 18.68 -6.17
CA ILE B 186 -5.77 19.10 -4.91
C ILE B 186 -6.91 20.07 -5.14
N GLY B 187 -6.78 21.01 -6.06
CA GLY B 187 -7.83 22.00 -6.24
C GLY B 187 -8.90 21.56 -7.24
N ASP B 188 -9.91 22.42 -7.41
CA ASP B 188 -11.03 22.14 -8.30
C ASP B 188 -10.75 22.55 -9.73
N GLY B 189 -9.90 23.53 -9.94
CA GLY B 189 -9.67 24.07 -11.26
C GLY B 189 -9.21 23.03 -12.26
N PRO B 190 -9.21 23.40 -13.52
CA PRO B 190 -8.88 22.44 -14.58
C PRO B 190 -7.40 22.11 -14.60
N VAL B 191 -7.10 20.83 -14.88
CA VAL B 191 -5.72 20.41 -15.07
C VAL B 191 -5.50 19.77 -16.47
N LEU B 192 -4.27 19.80 -16.92
CA LEU B 192 -3.89 19.17 -18.20
C LEU B 192 -3.76 17.65 -18.03
N LEU B 193 -4.60 16.80 -18.80
CA LEU B 193 -4.16 15.38 -18.74
C LEU B 193 -3.34 15.01 -19.98
N PRO B 194 -2.21 14.33 -19.85
CA PRO B 194 -1.30 14.17 -21.01
C PRO B 194 -1.61 12.94 -21.86
N ASP B 195 -1.08 12.96 -23.09
CA ASP B 195 -0.90 11.69 -23.83
C ASP B 195 0.24 10.91 -23.19
N PRO B 196 0.35 9.60 -23.45
CA PRO B 196 1.43 8.82 -22.82
C PRO B 196 2.80 9.37 -23.21
N HIS B 197 3.68 9.47 -22.23
CA HIS B 197 5.04 9.94 -22.48
C HIS B 197 5.89 9.43 -21.31
N TYR B 198 7.15 9.79 -21.28
CA TYR B 198 7.94 9.27 -20.16
C TYR B 198 8.84 10.39 -19.64
N LEU B 199 9.27 10.25 -18.39
CA LEU B 199 10.22 11.20 -17.80
C LEU B 199 11.52 10.46 -17.62
N SER B 200 12.60 11.04 -18.08
CA SER B 200 13.92 10.43 -18.03
C SER B 200 14.69 11.07 -16.89
N THR B 201 15.13 10.26 -15.91
CA THR B 201 15.69 10.79 -14.66
C THR B 201 17.09 10.24 -14.48
N GLN B 202 18.04 11.12 -14.13
CA GLN B 202 19.37 10.70 -13.68
C GLN B 202 19.62 11.37 -12.33
N SER B 203 20.26 10.64 -11.40
CA SER B 203 20.43 11.12 -10.04
C SER B 203 21.83 10.78 -9.53
N VAL B 204 22.39 11.70 -8.75
CA VAL B 204 23.73 11.53 -8.18
C VAL B 204 23.63 11.77 -6.70
N LEU B 205 24.05 10.80 -5.89
CA LEU B 205 23.99 10.91 -4.43
C LEU B 205 25.38 11.20 -3.91
N SER B 206 25.48 12.02 -2.86
CA SER B 206 26.79 12.31 -2.33
C SER B 206 26.62 12.68 -0.86
N LYS B 207 27.73 13.06 -0.22
CA LYS B 207 27.72 13.40 1.20
C LYS B 207 28.49 14.71 1.35
N ASP B 208 28.13 15.45 2.36
CA ASP B 208 28.80 16.70 2.79
C ASP B 208 29.73 16.34 3.95
N PRO B 209 31.05 16.37 3.77
CA PRO B 209 31.97 16.02 4.90
C PRO B 209 31.72 16.81 6.17
N ASN B 210 31.14 18.02 6.08
CA ASN B 210 30.90 18.85 7.27
C ASN B 210 29.55 18.56 7.95
N GLU B 211 28.74 17.66 7.42
CA GLU B 211 27.43 17.43 8.00
C GLU B 211 27.56 16.12 8.78
N THR B 212 27.57 16.18 10.11
CA THR B 212 27.68 14.92 10.86
C THR B 212 26.33 14.21 11.03
N ARG B 213 25.22 14.87 10.75
CA ARG B 213 23.98 14.11 10.90
C ARG B 213 23.84 13.16 9.72
N ASP B 214 23.01 12.13 9.90
CA ASP B 214 22.72 11.21 8.81
C ASP B 214 22.00 12.01 7.72
N HIS B 215 22.51 11.93 6.48
CA HIS B 215 22.01 12.86 5.47
C HIS B 215 22.27 12.32 4.07
N MET B 216 21.63 12.96 3.11
CA MET B 216 21.82 12.71 1.69
C MET B 216 21.79 13.97 0.86
N VAL B 217 22.83 14.14 0.01
CA VAL B 217 22.89 15.21 -0.99
C VAL B 217 22.48 14.62 -2.32
N LEU B 218 21.50 15.24 -2.95
CA LEU B 218 20.93 14.73 -4.19
C LEU B 218 21.07 15.76 -5.28
N LEU B 219 21.58 15.33 -6.42
CA LEU B 219 21.53 16.10 -7.64
C LEU B 219 20.75 15.30 -8.67
N GLU B 220 19.77 15.93 -9.32
CA GLU B 220 18.90 15.14 -10.19
C GLU B 220 18.60 15.94 -11.44
N PHE B 221 18.46 15.23 -12.56
CA PHE B 221 18.00 15.82 -13.81
C PHE B 221 16.80 15.05 -14.30
N VAL B 222 15.73 15.75 -14.67
CA VAL B 222 14.47 15.12 -15.06
C VAL B 222 14.03 15.77 -16.36
N THR B 223 13.78 14.96 -17.40
CA THR B 223 13.43 15.51 -18.72
C THR B 223 12.27 14.73 -19.30
N ALA B 224 11.26 15.41 -19.82
CA ALA B 224 10.17 14.66 -20.46
C ALA B 224 10.56 14.34 -21.88
N ALA B 225 10.06 13.22 -22.38
CA ALA B 225 10.31 12.85 -23.77
C ALA B 225 9.22 11.89 -24.22
N GLY B 226 9.36 11.39 -25.46
CA GLY B 226 8.39 10.47 -26.03
C GLY B 226 7.07 11.14 -26.29
N ILE B 227 7.09 12.48 -26.33
CA ILE B 227 5.91 13.33 -26.37
C ILE B 227 5.29 13.11 -27.75
N PRO B 228 4.05 12.58 -27.84
CA PRO B 228 3.48 12.32 -29.18
C PRO B 228 3.41 13.60 -30.01
#